data_6Y6U
#
_entry.id   6Y6U
#
_cell.length_a   68.568
_cell.length_b   83.128
_cell.length_c   90.063
_cell.angle_alpha   90.000
_cell.angle_beta   90.000
_cell.angle_gamma   90.000
#
_symmetry.space_group_name_H-M   'P 21 21 21'
#
loop_
_entity.id
_entity.type
_entity.pdbx_description
1 polymer 'Peptidoglycan D,D-transpeptidase FtsI'
2 non-polymer GLYCEROL
3 non-polymer 2-(4-hydroxyphenyl)-~{N}-[(2~{S})-2-methyl-4-oxidanyl-1-oxidanylidene-pent-4-en-2-yl]ethanamide
4 water water
#
_entity_poly.entity_id   1
_entity_poly.type   'polypeptide(L)'
_entity_poly.pdbx_seq_one_letter_code
;GPGYQDPARSVRHIAIPAHRGLITDRNGEPLAVSTPVTTLWANPKELMTAKERWPQLAAALGQDTKLFADRIEQNAEREF
IYLVRGLTPEQGEGVIALKVPGVYSIEEFRRFYPAGEVVAHAVGFTDVDDRGREGIELAFDEWLAGVPGKRQVLKDRRGR
VIKDVQVTKNAKPGKTLALSIDLRLQYLAHRELRNALLENGAKAGSLVIMDVKTGEILAMTNQPTYNPNNRRNLQPAAMR
NRAMIDVFEPGSTVKPFSMSAALASGRWKPSDIVDVYPGTLQIGRYTIRDVSRNSRQLDLTGILIKSSNVGISKIAFDIG
AESIYSVMQQVGLGQDTGLGFPGERVGNLPNHRKWPKAETATLAYGYGLSVTAIQLAHAYAALANDGKSVPLSMTRVDRV
PDGVQVISPEVASTVQGMLQQVVEAQGGVFRAQVPGYHAAGKSGTARKVSVGTKGYRENAYRSLFAGFAPATDPRIAMVV
VIDEPSKAGYFGGLVSAPVFSKVMAGALRLMNVPPDNLPTA
;
_entity_poly.pdbx_strand_id   A
#
# COMPACT_ATOMS: atom_id res chain seq x y z
N ASP A 6 -9.94 -25.05 -47.81
CA ASP A 6 -9.31 -25.25 -46.46
C ASP A 6 -7.97 -25.90 -46.68
N PRO A 7 -6.90 -25.49 -45.95
CA PRO A 7 -5.55 -25.98 -46.25
C PRO A 7 -5.22 -27.40 -45.78
N ALA A 8 -4.34 -28.10 -46.51
CA ALA A 8 -3.93 -29.49 -46.20
C ALA A 8 -2.92 -29.50 -45.06
N ARG A 9 -2.34 -28.34 -44.76
CA ARG A 9 -1.27 -28.15 -43.74
C ARG A 9 -1.16 -26.66 -43.46
N SER A 10 -0.54 -26.31 -42.34
CA SER A 10 -0.23 -24.92 -41.94
C SER A 10 1.02 -24.92 -41.08
N VAL A 11 1.72 -23.79 -41.08
CA VAL A 11 2.88 -23.60 -40.18
C VAL A 11 2.62 -22.33 -39.36
N ARG A 12 3.05 -22.35 -38.09
CA ARG A 12 2.84 -21.28 -37.09
C ARG A 12 4.10 -21.14 -36.24
N HIS A 13 4.62 -19.92 -36.09
CA HIS A 13 5.53 -19.57 -34.98
C HIS A 13 4.61 -19.39 -33.75
N ILE A 14 4.93 -20.07 -32.63
CA ILE A 14 4.09 -20.05 -31.40
CA ILE A 14 4.09 -20.05 -31.39
C ILE A 14 4.98 -19.72 -30.19
N ALA A 15 4.38 -19.12 -29.16
CA ALA A 15 5.05 -18.57 -27.97
C ALA A 15 5.51 -19.69 -27.05
N ILE A 16 6.72 -19.57 -26.49
CA ILE A 16 7.15 -20.35 -25.29
C ILE A 16 7.00 -19.43 -24.07
N PRO A 17 6.00 -19.66 -23.21
CA PRO A 17 5.80 -18.84 -22.01
C PRO A 17 6.99 -18.85 -21.05
N ALA A 18 7.31 -17.69 -20.49
CA ALA A 18 8.44 -17.48 -19.54
C ALA A 18 7.92 -17.65 -18.11
N HIS A 19 8.78 -18.13 -17.20
CA HIS A 19 8.46 -18.26 -15.76
C HIS A 19 8.48 -16.86 -15.12
N ARG A 20 7.36 -16.40 -14.56
CA ARG A 20 7.25 -15.07 -13.90
C ARG A 20 8.13 -15.02 -12.65
N GLY A 21 8.81 -13.89 -12.48
CA GLY A 21 9.73 -13.68 -11.36
C GLY A 21 9.04 -13.79 -10.01
N LEU A 22 9.75 -14.31 -9.03
CA LEU A 22 9.35 -14.43 -7.62
C LEU A 22 9.30 -13.02 -7.01
N ILE A 23 8.20 -12.68 -6.38
CA ILE A 23 8.14 -11.52 -5.44
C ILE A 23 8.45 -12.05 -4.04
N THR A 24 9.40 -11.38 -3.38
CA THR A 24 9.76 -11.69 -1.97
C THR A 24 9.59 -10.43 -1.10
N ASP A 25 9.59 -10.64 0.20
CA ASP A 25 9.76 -9.53 1.19
C ASP A 25 11.23 -9.17 1.20
N ARG A 26 11.65 -8.30 2.10
CA ARG A 26 13.03 -7.75 2.04
C ARG A 26 14.06 -8.81 2.48
N ASN A 27 13.61 -9.87 3.16
CA ASN A 27 14.46 -10.95 3.70
C ASN A 27 14.27 -12.23 2.88
N GLY A 28 13.65 -12.18 1.70
CA GLY A 28 13.53 -13.35 0.78
C GLY A 28 12.32 -14.24 1.07
N GLU A 29 11.41 -13.82 1.96
CA GLU A 29 10.15 -14.56 2.22
C GLU A 29 9.26 -14.47 0.98
N PRO A 30 8.76 -15.62 0.47
CA PRO A 30 7.95 -15.60 -0.76
C PRO A 30 6.60 -14.91 -0.53
N LEU A 31 6.24 -13.98 -1.42
CA LEU A 31 4.95 -13.24 -1.42
C LEU A 31 4.14 -13.55 -2.69
N ALA A 32 4.77 -13.77 -3.84
CA ALA A 32 4.11 -14.16 -5.11
C ALA A 32 4.99 -15.17 -5.83
N VAL A 33 4.45 -16.36 -6.10
CA VAL A 33 5.22 -17.51 -6.65
CA VAL A 33 5.22 -17.49 -6.66
C VAL A 33 4.44 -18.07 -7.83
N SER A 34 5.13 -18.30 -8.94
CA SER A 34 4.58 -18.92 -10.17
C SER A 34 4.74 -20.43 -10.06
N THR A 35 3.62 -21.15 -10.03
CA THR A 35 3.51 -22.60 -9.74
C THR A 35 2.99 -23.28 -10.99
N PRO A 36 3.52 -24.47 -11.39
CA PRO A 36 2.99 -25.17 -12.56
C PRO A 36 1.58 -25.69 -12.25
N VAL A 37 0.65 -25.43 -13.17
CA VAL A 37 -0.73 -25.99 -13.06
C VAL A 37 -0.96 -26.81 -14.32
N THR A 38 -1.88 -27.78 -14.20
CA THR A 38 -2.31 -28.64 -15.33
C THR A 38 -3.53 -27.96 -15.95
N THR A 39 -3.45 -27.70 -17.27
CA THR A 39 -4.55 -27.19 -18.14
C THR A 39 -4.91 -28.26 -19.20
N LEU A 40 -6.18 -28.65 -19.26
CA LEU A 40 -6.74 -29.56 -20.30
C LEU A 40 -7.38 -28.70 -21.40
N TRP A 41 -6.92 -28.90 -22.65
CA TRP A 41 -7.53 -28.29 -23.85
C TRP A 41 -7.87 -29.37 -24.88
N ALA A 42 -8.59 -28.95 -25.91
CA ALA A 42 -9.13 -29.79 -26.98
C ALA A 42 -9.00 -29.08 -28.33
N ASN A 43 -8.86 -29.90 -29.37
CA ASN A 43 -9.02 -29.53 -30.79
C ASN A 43 -10.37 -30.07 -31.24
N PRO A 44 -11.39 -29.20 -31.40
CA PRO A 44 -12.74 -29.64 -31.80
C PRO A 44 -12.80 -30.48 -33.08
N LYS A 45 -11.99 -30.09 -34.08
CA LYS A 45 -11.90 -30.79 -35.39
C LYS A 45 -11.53 -32.27 -35.18
N GLU A 46 -10.68 -32.57 -34.18
CA GLU A 46 -10.33 -33.98 -33.83
C GLU A 46 -11.45 -34.58 -32.98
N LEU A 47 -11.93 -33.85 -31.98
CA LEU A 47 -13.10 -34.26 -31.15
C LEU A 47 -14.26 -34.76 -32.04
N MET A 48 -14.54 -34.03 -33.13
CA MET A 48 -15.71 -34.31 -34.01
C MET A 48 -15.64 -35.73 -34.56
N THR A 49 -14.48 -36.39 -34.52
CA THR A 49 -14.30 -37.76 -35.09
C THR A 49 -14.50 -38.83 -34.02
N ALA A 50 -14.80 -38.42 -32.77
CA ALA A 50 -14.71 -39.30 -31.59
C ALA A 50 -15.93 -39.02 -30.68
N LYS A 51 -17.08 -38.79 -31.29
CA LYS A 51 -18.31 -38.34 -30.56
C LYS A 51 -18.70 -39.37 -29.50
N GLU A 52 -18.43 -40.66 -29.68
CA GLU A 52 -18.85 -41.67 -28.66
C GLU A 52 -18.06 -41.49 -27.35
N ARG A 53 -16.92 -40.79 -27.38
CA ARG A 53 -16.07 -40.53 -26.19
C ARG A 53 -16.58 -39.31 -25.38
N TRP A 54 -17.33 -38.41 -26.02
CA TRP A 54 -17.77 -37.11 -25.43
C TRP A 54 -18.43 -37.30 -24.06
N PRO A 55 -19.47 -38.15 -23.90
CA PRO A 55 -20.20 -38.25 -22.63
C PRO A 55 -19.33 -38.65 -21.45
N GLN A 56 -18.41 -39.60 -21.63
CA GLN A 56 -17.41 -40.02 -20.60
C GLN A 56 -16.48 -38.83 -20.27
N LEU A 57 -16.05 -38.09 -21.30
CA LEU A 57 -15.18 -36.90 -21.12
C LEU A 57 -15.95 -35.80 -20.38
N ALA A 58 -17.16 -35.47 -20.84
CA ALA A 58 -18.05 -34.48 -20.19
C ALA A 58 -18.22 -34.93 -18.72
N ALA A 59 -18.65 -36.16 -18.48
CA ALA A 59 -18.78 -36.73 -17.12
C ALA A 59 -17.47 -36.51 -16.37
N ALA A 60 -16.29 -36.74 -16.97
CA ALA A 60 -15.00 -36.57 -16.27
C ALA A 60 -14.68 -35.09 -16.03
N LEU A 61 -15.44 -34.17 -16.65
CA LEU A 61 -15.24 -32.70 -16.53
C LEU A 61 -16.37 -32.09 -15.70
N GLY A 62 -17.19 -32.94 -15.09
CA GLY A 62 -18.42 -32.55 -14.37
C GLY A 62 -19.32 -31.67 -15.21
N GLN A 63 -19.44 -31.95 -16.52
CA GLN A 63 -20.37 -31.21 -17.42
C GLN A 63 -21.54 -32.13 -17.75
N ASP A 64 -22.75 -31.50 -17.81
CA ASP A 64 -23.93 -32.15 -18.44
C ASP A 64 -23.50 -32.54 -19.87
N THR A 65 -23.90 -33.75 -20.29
CA THR A 65 -23.50 -34.32 -21.59
C THR A 65 -23.94 -33.35 -22.70
N LYS A 66 -25.14 -32.79 -22.60
CA LYS A 66 -25.78 -32.08 -23.75
C LYS A 66 -25.10 -30.71 -23.90
N LEU A 67 -24.85 -30.05 -22.76
CA LEU A 67 -24.19 -28.71 -22.78
C LEU A 67 -22.82 -28.85 -23.42
N PHE A 68 -22.07 -29.87 -23.01
CA PHE A 68 -20.71 -30.15 -23.53
C PHE A 68 -20.79 -30.45 -25.04
N ALA A 69 -21.67 -31.36 -25.46
CA ALA A 69 -21.82 -31.73 -26.89
C ALA A 69 -22.18 -30.48 -27.71
N ASP A 70 -23.11 -29.61 -27.24
CA ASP A 70 -23.48 -28.36 -27.95
C ASP A 70 -22.25 -27.44 -28.07
N ARG A 71 -21.44 -27.39 -27.02
CA ARG A 71 -20.23 -26.54 -27.03
C ARG A 71 -19.24 -27.07 -28.09
N ILE A 72 -19.01 -28.38 -28.18
CA ILE A 72 -18.08 -28.93 -29.21
C ILE A 72 -18.68 -28.69 -30.61
N GLU A 73 -19.96 -28.97 -30.80
CA GLU A 73 -20.64 -28.76 -32.12
C GLU A 73 -20.53 -27.30 -32.55
N GLN A 74 -20.69 -26.35 -31.63
CA GLN A 74 -20.71 -24.89 -31.95
C GLN A 74 -19.32 -24.43 -32.38
N ASN A 75 -18.27 -25.08 -31.89
CA ASN A 75 -16.85 -24.70 -32.05
C ASN A 75 -16.17 -25.68 -33.00
N ALA A 76 -16.93 -26.28 -33.92
CA ALA A 76 -16.52 -27.41 -34.78
C ALA A 76 -15.38 -27.01 -35.71
N GLU A 77 -15.36 -25.74 -36.12
CA GLU A 77 -14.36 -25.21 -37.07
C GLU A 77 -13.24 -24.47 -36.32
N ARG A 78 -13.27 -24.39 -34.99
CA ARG A 78 -12.08 -23.98 -34.22
C ARG A 78 -11.12 -25.17 -34.07
N GLU A 79 -9.84 -24.88 -33.84
CA GLU A 79 -8.82 -25.92 -33.55
C GLU A 79 -8.33 -25.81 -32.11
N PHE A 80 -8.86 -24.85 -31.33
CA PHE A 80 -8.52 -24.70 -29.90
C PHE A 80 -9.74 -24.21 -29.10
N ILE A 81 -9.93 -24.86 -27.97
CA ILE A 81 -10.77 -24.42 -26.82
C ILE A 81 -10.07 -24.95 -25.57
N TYR A 82 -10.28 -24.26 -24.46
CA TYR A 82 -9.99 -24.77 -23.10
C TYR A 82 -11.12 -25.70 -22.66
N LEU A 83 -10.78 -26.76 -21.92
CA LEU A 83 -11.77 -27.60 -21.19
C LEU A 83 -11.77 -27.14 -19.74
N VAL A 84 -10.60 -27.04 -19.10
CA VAL A 84 -10.41 -26.65 -17.66
C VAL A 84 -8.97 -26.19 -17.46
N ARG A 85 -8.76 -25.08 -16.76
CA ARG A 85 -7.38 -24.59 -16.45
C ARG A 85 -7.07 -24.85 -14.99
N GLY A 86 -5.83 -25.24 -14.68
CA GLY A 86 -5.26 -25.19 -13.33
C GLY A 86 -5.59 -26.41 -12.48
N LEU A 87 -5.36 -27.63 -13.00
CA LEU A 87 -5.55 -28.92 -12.27
C LEU A 87 -4.22 -29.35 -11.63
N THR A 88 -4.32 -30.34 -10.73
CA THR A 88 -3.27 -31.28 -10.25
C THR A 88 -2.73 -32.10 -11.42
N PRO A 89 -1.43 -32.49 -11.41
CA PRO A 89 -0.90 -33.47 -12.37
C PRO A 89 -1.76 -34.74 -12.41
N GLU A 90 -2.01 -35.32 -11.23
CA GLU A 90 -2.80 -36.56 -11.05
C GLU A 90 -4.22 -36.38 -11.60
N GLN A 91 -4.77 -35.16 -11.50
CA GLN A 91 -6.16 -34.79 -11.93
C GLN A 91 -6.30 -34.88 -13.45
N GLY A 92 -5.39 -34.23 -14.18
CA GLY A 92 -5.33 -34.24 -15.65
C GLY A 92 -4.98 -35.62 -16.19
N GLU A 93 -3.96 -36.27 -15.60
CA GLU A 93 -3.58 -37.68 -15.85
C GLU A 93 -4.86 -38.53 -15.99
N GLY A 94 -5.77 -38.40 -15.01
CA GLY A 94 -7.04 -39.15 -14.92
C GLY A 94 -7.97 -38.92 -16.10
N VAL A 95 -7.92 -37.72 -16.69
CA VAL A 95 -8.68 -37.35 -17.93
C VAL A 95 -7.86 -37.78 -19.16
N ILE A 96 -6.54 -37.56 -19.19
CA ILE A 96 -5.66 -38.07 -20.31
C ILE A 96 -5.72 -39.60 -20.35
N ALA A 97 -5.89 -40.26 -19.20
CA ALA A 97 -5.99 -41.74 -19.07
C ALA A 97 -7.06 -42.28 -20.02
N LEU A 98 -8.09 -41.48 -20.30
CA LEU A 98 -9.22 -41.82 -21.19
C LEU A 98 -8.74 -42.00 -22.64
N LYS A 99 -7.73 -41.22 -23.05
CA LYS A 99 -7.12 -41.30 -24.41
C LYS A 99 -8.15 -40.82 -25.43
N VAL A 100 -8.84 -39.71 -25.14
CA VAL A 100 -9.87 -39.18 -26.09
C VAL A 100 -9.13 -38.44 -27.20
N PRO A 101 -9.39 -38.72 -28.50
CA PRO A 101 -8.76 -37.96 -29.59
C PRO A 101 -9.11 -36.46 -29.51
N GLY A 102 -8.07 -35.63 -29.60
CA GLY A 102 -8.17 -34.16 -29.62
C GLY A 102 -8.14 -33.53 -28.24
N VAL A 103 -7.87 -34.31 -27.18
CA VAL A 103 -7.78 -33.82 -25.75
C VAL A 103 -6.31 -33.88 -25.32
N TYR A 104 -5.82 -32.78 -24.73
CA TYR A 104 -4.40 -32.56 -24.40
C TYR A 104 -4.31 -31.87 -23.03
N SER A 105 -3.35 -32.31 -22.22
CA SER A 105 -2.91 -31.63 -20.97
C SER A 105 -1.73 -30.72 -21.33
N ILE A 106 -1.59 -29.58 -20.65
CA ILE A 106 -0.34 -28.75 -20.67
C ILE A 106 -0.08 -28.27 -19.23
N GLU A 107 1.20 -28.13 -18.88
CA GLU A 107 1.67 -27.48 -17.63
C GLU A 107 1.84 -25.98 -17.94
N GLU A 108 1.08 -25.09 -17.27
CA GLU A 108 1.30 -23.62 -17.37
C GLU A 108 1.49 -23.04 -15.98
N PHE A 109 1.71 -21.72 -15.88
CA PHE A 109 2.05 -21.01 -14.63
C PHE A 109 0.85 -20.23 -14.10
N ARG A 110 0.60 -20.42 -12.81
CA ARG A 110 -0.39 -19.68 -12.03
C ARG A 110 0.29 -19.12 -10.77
N ARG A 111 -0.04 -17.87 -10.42
CA ARG A 111 0.48 -17.23 -9.19
C ARG A 111 -0.19 -17.89 -7.99
N PHE A 112 0.61 -18.24 -6.98
CA PHE A 112 0.15 -18.41 -5.58
C PHE A 112 0.70 -17.27 -4.71
N TYR A 113 -0.10 -16.81 -3.74
CA TYR A 113 0.24 -15.71 -2.79
C TYR A 113 0.25 -16.31 -1.39
N PRO A 114 1.43 -16.78 -0.90
CA PRO A 114 1.49 -17.51 0.36
C PRO A 114 1.04 -16.75 1.61
N ALA A 115 1.11 -15.42 1.62
CA ALA A 115 0.67 -14.63 2.80
C ALA A 115 -0.75 -14.14 2.59
N GLY A 116 -1.31 -14.33 1.40
CA GLY A 116 -2.75 -14.11 1.14
C GLY A 116 -3.17 -12.69 1.49
N GLU A 117 -4.17 -12.54 2.38
CA GLU A 117 -4.82 -11.24 2.65
C GLU A 117 -3.86 -10.28 3.35
N VAL A 118 -2.83 -10.82 3.99
CA VAL A 118 -1.87 -10.05 4.83
C VAL A 118 -1.13 -9.01 3.98
N VAL A 119 -0.83 -9.28 2.71
CA VAL A 119 -0.07 -8.32 1.89
C VAL A 119 -0.75 -8.12 0.53
N ALA A 120 -2.05 -8.37 0.43
CA ALA A 120 -2.74 -8.37 -0.87
C ALA A 120 -2.66 -7.02 -1.55
N HIS A 121 -2.85 -5.95 -0.78
CA HIS A 121 -3.02 -4.62 -1.39
C HIS A 121 -1.70 -4.14 -1.96
N ALA A 122 -0.60 -4.47 -1.28
CA ALA A 122 0.76 -4.14 -1.75
C ALA A 122 1.09 -5.00 -2.98
N VAL A 123 0.96 -6.33 -2.87
CA VAL A 123 1.46 -7.28 -3.92
C VAL A 123 0.54 -7.22 -5.14
N GLY A 124 -0.77 -7.06 -4.91
CA GLY A 124 -1.80 -7.11 -5.95
C GLY A 124 -1.89 -8.53 -6.51
N PHE A 125 -2.15 -8.69 -7.80
CA PHE A 125 -2.34 -10.03 -8.40
C PHE A 125 -2.26 -10.00 -9.93
N THR A 126 -2.18 -11.20 -10.52
CA THR A 126 -2.17 -11.44 -11.97
C THR A 126 -3.53 -11.96 -12.44
N ASP A 127 -3.83 -11.81 -13.72
CA ASP A 127 -5.03 -12.40 -14.39
C ASP A 127 -4.74 -13.87 -14.72
N VAL A 128 -5.67 -14.55 -15.43
CA VAL A 128 -5.57 -15.99 -15.81
C VAL A 128 -4.36 -16.22 -16.72
N ASP A 129 -3.92 -15.19 -17.46
CA ASP A 129 -2.77 -15.22 -18.40
C ASP A 129 -1.46 -14.89 -17.66
N ASP A 130 -1.44 -14.80 -16.33
CA ASP A 130 -0.28 -14.42 -15.49
C ASP A 130 0.23 -13.03 -15.90
N ARG A 131 -0.64 -12.08 -16.28
CA ARG A 131 -0.20 -10.67 -16.48
C ARG A 131 -0.60 -9.86 -15.24
N GLY A 132 0.32 -9.02 -14.75
CA GLY A 132 0.08 -8.12 -13.62
C GLY A 132 -1.18 -7.31 -13.86
N ARG A 133 -2.11 -7.32 -12.90
CA ARG A 133 -3.38 -6.55 -13.07
C ARG A 133 -3.56 -5.54 -11.92
N GLU A 134 -2.96 -5.74 -10.74
CA GLU A 134 -3.02 -4.78 -9.60
C GLU A 134 -1.69 -4.74 -8.86
N GLY A 135 -1.52 -3.71 -8.05
CA GLY A 135 -0.42 -3.65 -7.07
C GLY A 135 0.93 -3.68 -7.74
N ILE A 136 1.89 -4.28 -7.04
CA ILE A 136 3.31 -4.44 -7.48
C ILE A 136 3.34 -5.31 -8.75
N GLU A 137 2.41 -6.25 -8.85
CA GLU A 137 2.32 -7.18 -9.99
C GLU A 137 2.18 -6.34 -11.27
N LEU A 138 1.37 -5.28 -11.21
CA LEU A 138 1.14 -4.40 -12.38
C LEU A 138 2.33 -3.44 -12.48
N ALA A 139 2.66 -2.78 -11.38
CA ALA A 139 3.68 -1.69 -11.40
C ALA A 139 5.02 -2.21 -11.94
N PHE A 140 5.41 -3.46 -11.62
CA PHE A 140 6.70 -4.10 -12.03
C PHE A 140 6.47 -5.25 -13.01
N ASP A 141 5.40 -5.17 -13.81
CA ASP A 141 4.98 -6.26 -14.74
CA ASP A 141 5.00 -6.29 -14.69
C ASP A 141 6.17 -6.63 -15.64
N GLU A 142 6.78 -5.61 -16.28
CA GLU A 142 7.83 -5.87 -17.31
C GLU A 142 9.02 -6.58 -16.65
N TRP A 143 9.39 -6.14 -15.46
CA TRP A 143 10.49 -6.73 -14.68
C TRP A 143 10.19 -8.20 -14.41
N LEU A 144 8.99 -8.46 -13.89
CA LEU A 144 8.57 -9.80 -13.41
C LEU A 144 8.26 -10.75 -14.57
N ALA A 145 7.75 -10.24 -15.70
CA ALA A 145 7.11 -11.06 -16.74
C ALA A 145 8.16 -11.91 -17.48
N GLY A 146 9.40 -11.42 -17.65
CA GLY A 146 10.35 -12.11 -18.55
C GLY A 146 9.89 -12.00 -19.99
N VAL A 147 10.47 -12.82 -20.88
CA VAL A 147 10.32 -12.72 -22.37
C VAL A 147 9.95 -14.09 -22.92
N PRO A 148 8.75 -14.25 -23.52
CA PRO A 148 8.41 -15.50 -24.20
C PRO A 148 9.47 -15.95 -25.22
N GLY A 149 9.71 -17.26 -25.26
CA GLY A 149 10.39 -17.94 -26.38
C GLY A 149 9.48 -18.04 -27.59
N LYS A 150 10.00 -18.54 -28.70
CA LYS A 150 9.20 -18.77 -29.93
C LYS A 150 9.69 -20.05 -30.59
N ARG A 151 8.76 -20.83 -31.16
CA ARG A 151 9.07 -22.10 -31.83
C ARG A 151 8.06 -22.32 -32.96
N GLN A 152 8.52 -23.02 -33.98
CA GLN A 152 7.76 -23.23 -35.23
C GLN A 152 7.16 -24.63 -35.13
N VAL A 153 5.87 -24.75 -35.43
CA VAL A 153 5.17 -26.07 -35.47
C VAL A 153 4.52 -26.25 -36.85
N LEU A 154 4.51 -27.49 -37.31
CA LEU A 154 3.75 -27.99 -38.49
C LEU A 154 2.47 -28.66 -38.00
N LYS A 155 1.34 -28.27 -38.60
CA LYS A 155 -0.02 -28.79 -38.28
C LYS A 155 -0.59 -29.48 -39.51
N ASP A 156 -1.36 -30.55 -39.29
CA ASP A 156 -2.15 -31.25 -40.32
C ASP A 156 -3.43 -30.45 -40.65
N ARG A 157 -4.27 -31.05 -41.51
CA ARG A 157 -5.60 -30.56 -41.99
C ARG A 157 -6.56 -30.15 -40.86
N ARG A 158 -6.49 -30.74 -39.68
CA ARG A 158 -7.38 -30.40 -38.54
C ARG A 158 -6.65 -29.52 -37.51
N GLY A 159 -5.37 -29.18 -37.79
CA GLY A 159 -4.61 -28.21 -37.00
C GLY A 159 -3.85 -28.85 -35.82
N ARG A 160 -3.75 -30.20 -35.79
CA ARG A 160 -2.89 -30.89 -34.78
C ARG A 160 -1.42 -30.80 -35.20
N VAL A 161 -0.56 -30.61 -34.20
CA VAL A 161 0.91 -30.44 -34.36
C VAL A 161 1.51 -31.81 -34.64
N ILE A 162 2.13 -31.98 -35.81
CA ILE A 162 2.74 -33.27 -36.21
C ILE A 162 4.27 -33.15 -36.19
N LYS A 163 4.83 -31.94 -36.17
CA LYS A 163 6.29 -31.75 -36.09
C LYS A 163 6.65 -30.42 -35.42
N ASP A 164 7.62 -30.49 -34.50
CA ASP A 164 8.36 -29.32 -33.97
C ASP A 164 9.47 -29.02 -34.97
N VAL A 165 9.39 -27.89 -35.66
CA VAL A 165 10.23 -27.61 -36.86
C VAL A 165 11.56 -26.99 -36.40
N GLN A 166 11.52 -25.86 -35.68
CA GLN A 166 12.72 -25.11 -35.17
C GLN A 166 12.28 -24.28 -33.95
N VAL A 167 13.15 -24.16 -32.94
CA VAL A 167 13.05 -23.08 -31.91
C VAL A 167 13.95 -21.96 -32.42
N THR A 168 13.39 -20.79 -32.72
CA THR A 168 14.15 -19.57 -33.09
C THR A 168 14.63 -18.86 -31.82
N LYS A 169 13.96 -19.03 -30.66
CA LYS A 169 14.29 -18.26 -29.42
C LYS A 169 13.85 -19.01 -28.16
N ASN A 170 14.75 -19.20 -27.19
CA ASN A 170 14.37 -19.81 -25.89
C ASN A 170 13.70 -18.73 -25.02
N ALA A 171 12.76 -19.11 -24.15
CA ALA A 171 12.11 -18.21 -23.17
C ALA A 171 13.17 -17.72 -22.19
N LYS A 172 13.00 -16.50 -21.68
CA LYS A 172 13.87 -15.87 -20.64
C LYS A 172 13.00 -15.66 -19.40
N PRO A 173 13.33 -16.26 -18.24
CA PRO A 173 12.51 -16.11 -17.03
C PRO A 173 12.44 -14.65 -16.59
N GLY A 174 11.33 -14.28 -15.93
CA GLY A 174 11.22 -12.96 -15.28
C GLY A 174 12.20 -12.84 -14.13
N LYS A 175 12.41 -11.63 -13.61
CA LYS A 175 13.39 -11.39 -12.52
C LYS A 175 12.72 -11.33 -11.14
N THR A 176 13.44 -11.86 -10.14
CA THR A 176 13.06 -11.76 -8.72
C THR A 176 12.97 -10.28 -8.36
N LEU A 177 12.02 -9.97 -7.50
CA LEU A 177 11.81 -8.63 -6.94
C LEU A 177 11.61 -8.77 -5.43
N ALA A 178 12.48 -8.11 -4.68
CA ALA A 178 12.50 -8.01 -3.21
C ALA A 178 11.83 -6.67 -2.86
N LEU A 179 10.70 -6.75 -2.19
CA LEU A 179 10.03 -5.53 -1.74
C LEU A 179 10.76 -4.96 -0.52
N SER A 180 10.37 -3.75 -0.13
CA SER A 180 10.86 -3.12 1.11
C SER A 180 10.12 -3.71 2.33
N ILE A 181 8.93 -4.29 2.10
CA ILE A 181 8.10 -4.89 3.17
C ILE A 181 8.93 -5.88 3.98
N ASP A 182 8.80 -5.77 5.29
CA ASP A 182 9.24 -6.81 6.24
C ASP A 182 8.01 -7.61 6.63
N LEU A 183 7.94 -8.82 6.16
CA LEU A 183 6.77 -9.67 6.39
C LEU A 183 6.47 -9.79 7.88
N ARG A 184 7.46 -9.88 8.76
CA ARG A 184 7.19 -10.01 10.22
C ARG A 184 6.45 -8.76 10.74
N LEU A 185 6.87 -7.55 10.31
CA LEU A 185 6.24 -6.24 10.65
C LEU A 185 4.86 -6.19 9.98
N GLN A 186 4.77 -6.67 8.73
CA GLN A 186 3.49 -6.73 7.96
C GLN A 186 2.43 -7.54 8.72
N TYR A 187 2.77 -8.72 9.27
CA TYR A 187 1.83 -9.63 9.96
C TYR A 187 1.40 -8.92 11.26
N LEU A 188 2.35 -8.25 11.94
CA LEU A 188 2.10 -7.57 13.24
C LEU A 188 1.13 -6.43 12.98
N ALA A 189 1.41 -5.59 11.98
CA ALA A 189 0.51 -4.46 11.63
C ALA A 189 -0.88 -4.98 11.23
N HIS A 190 -0.94 -5.98 10.33
CA HIS A 190 -2.21 -6.58 9.85
C HIS A 190 -3.04 -7.04 11.06
N ARG A 191 -2.44 -7.81 11.95
CA ARG A 191 -3.18 -8.39 13.10
C ARG A 191 -3.68 -7.24 13.99
N GLU A 192 -2.79 -6.30 14.32
CA GLU A 192 -3.13 -5.22 15.28
C GLU A 192 -4.19 -4.28 14.68
N LEU A 193 -4.14 -3.99 13.36
CA LEU A 193 -5.15 -3.10 12.71
C LEU A 193 -6.49 -3.84 12.71
N ARG A 194 -6.48 -5.12 12.31
CA ARG A 194 -7.72 -5.95 12.36
C ARG A 194 -8.31 -5.92 13.78
N ASN A 195 -7.53 -6.23 14.83
CA ASN A 195 -8.04 -6.28 16.24
C ASN A 195 -8.58 -4.91 16.67
N ALA A 196 -7.94 -3.84 16.24
CA ALA A 196 -8.35 -2.44 16.56
C ALA A 196 -9.72 -2.16 15.94
N LEU A 197 -9.97 -2.63 14.72
CA LEU A 197 -11.25 -2.36 14.02
C LEU A 197 -12.37 -3.08 14.79
N LEU A 198 -12.12 -4.32 15.19
CA LEU A 198 -13.09 -5.14 15.96
C LEU A 198 -13.41 -4.39 17.27
N GLU A 199 -12.37 -4.13 18.08
CA GLU A 199 -12.48 -3.59 19.46
C GLU A 199 -13.13 -2.20 19.44
N ASN A 200 -13.09 -1.49 18.31
CA ASN A 200 -13.60 -0.10 18.13
C ASN A 200 -14.84 -0.06 17.23
N GLY A 201 -15.31 -1.22 16.73
CA GLY A 201 -16.41 -1.32 15.75
C GLY A 201 -16.24 -0.40 14.56
N ALA A 202 -14.99 -0.19 14.12
CA ALA A 202 -14.69 0.64 12.94
C ALA A 202 -14.92 -0.27 11.72
N LYS A 203 -15.23 0.34 10.54
CA LYS A 203 -15.29 -0.50 9.31
C LYS A 203 -14.10 -0.37 8.33
N ALA A 204 -13.23 0.64 8.38
CA ALA A 204 -12.01 0.61 7.49
C ALA A 204 -10.80 1.25 8.18
N GLY A 205 -9.59 1.04 7.65
CA GLY A 205 -8.43 1.66 8.28
C GLY A 205 -7.17 1.32 7.50
N SER A 206 -6.07 1.98 7.84
CA SER A 206 -4.75 1.75 7.18
C SER A 206 -3.63 1.87 8.21
N LEU A 207 -2.50 1.21 7.95
CA LEU A 207 -1.37 1.46 8.85
C LEU A 207 -0.11 1.36 7.95
N VAL A 208 0.68 2.43 8.01
CA VAL A 208 1.96 2.47 7.22
C VAL A 208 3.11 2.50 8.23
N ILE A 209 4.21 1.75 7.93
CA ILE A 209 5.44 1.83 8.75
C ILE A 209 6.57 2.10 7.74
N MET A 210 7.39 3.08 8.05
CA MET A 210 8.47 3.48 7.13
C MET A 210 9.77 3.50 7.91
N ASP A 211 10.87 3.17 7.20
CA ASP A 211 12.24 3.40 7.73
C ASP A 211 12.64 4.83 7.42
N VAL A 212 12.89 5.62 8.43
CA VAL A 212 13.15 7.08 8.25
C VAL A 212 14.55 7.30 7.63
N LYS A 213 15.39 6.30 7.76
CA LYS A 213 16.83 6.41 7.27
C LYS A 213 16.89 6.06 5.79
N THR A 214 16.04 5.18 5.29
CA THR A 214 16.20 4.56 3.94
C THR A 214 15.04 4.87 3.00
N GLY A 215 13.92 5.39 3.54
CA GLY A 215 12.74 5.72 2.71
C GLY A 215 11.92 4.47 2.39
N GLU A 216 12.22 3.34 3.02
CA GLU A 216 11.57 2.04 2.69
C GLU A 216 10.23 1.94 3.46
N ILE A 217 9.22 1.49 2.75
CA ILE A 217 7.91 1.07 3.31
C ILE A 217 8.04 -0.33 3.91
N LEU A 218 8.16 -0.43 5.22
CA LEU A 218 8.35 -1.72 5.91
C LEU A 218 7.02 -2.46 6.09
N ALA A 219 5.92 -1.69 6.21
CA ALA A 219 4.58 -2.30 6.26
C ALA A 219 3.54 -1.36 5.69
N MET A 220 2.54 -1.96 5.02
CA MET A 220 1.42 -1.18 4.48
C MET A 220 0.23 -2.13 4.46
N THR A 221 -0.68 -1.90 5.40
CA THR A 221 -1.85 -2.79 5.57
C THR A 221 -3.15 -1.93 5.64
N ASN A 222 -4.23 -2.58 5.16
CA ASN A 222 -5.52 -1.86 5.10
C ASN A 222 -6.57 -2.89 5.43
N GLN A 223 -7.66 -2.38 5.98
CA GLN A 223 -8.91 -3.13 6.18
C GLN A 223 -10.01 -2.31 5.52
N PRO A 224 -11.02 -2.96 4.91
CA PRO A 224 -11.02 -4.41 4.72
C PRO A 224 -9.97 -4.89 3.69
N THR A 225 -9.72 -6.20 3.70
CA THR A 225 -8.79 -6.87 2.74
C THR A 225 -9.50 -8.07 2.12
N TYR A 226 -8.77 -8.84 1.32
CA TYR A 226 -9.33 -9.95 0.53
C TYR A 226 -8.25 -11.00 0.39
N ASN A 227 -8.64 -12.25 0.16
CA ASN A 227 -7.71 -13.35 -0.20
C ASN A 227 -7.50 -13.34 -1.70
N PRO A 228 -6.30 -12.96 -2.18
CA PRO A 228 -6.02 -12.90 -3.63
C PRO A 228 -5.99 -14.29 -4.29
N ASN A 229 -5.88 -15.35 -3.48
CA ASN A 229 -5.93 -16.78 -3.94
C ASN A 229 -7.36 -17.19 -4.25
N ASN A 230 -8.35 -16.42 -3.80
CA ASN A 230 -9.78 -16.79 -3.93
C ASN A 230 -10.63 -15.52 -4.03
N ARG A 231 -10.71 -14.97 -5.26
CA ARG A 231 -11.32 -13.65 -5.53
C ARG A 231 -12.80 -13.81 -5.89
N ARG A 232 -13.41 -14.95 -5.57
CA ARG A 232 -14.86 -15.16 -5.89
C ARG A 232 -15.68 -14.09 -5.16
N ASN A 233 -16.38 -13.25 -5.94
CA ASN A 233 -17.44 -12.33 -5.46
C ASN A 233 -16.92 -11.39 -4.35
N LEU A 234 -15.73 -10.84 -4.54
CA LEU A 234 -15.11 -9.89 -3.57
C LEU A 234 -15.70 -8.48 -3.76
N GLN A 235 -16.19 -7.89 -2.66
CA GLN A 235 -16.68 -6.49 -2.63
C GLN A 235 -15.53 -5.58 -3.09
N PRO A 236 -15.78 -4.68 -4.06
CA PRO A 236 -14.70 -3.89 -4.65
C PRO A 236 -13.99 -3.05 -3.59
N ALA A 237 -14.71 -2.66 -2.51
CA ALA A 237 -14.16 -1.88 -1.37
C ALA A 237 -12.95 -2.61 -0.75
N ALA A 238 -12.99 -3.95 -0.73
CA ALA A 238 -12.00 -4.77 -0.02
C ALA A 238 -10.70 -4.79 -0.82
N MET A 239 -10.70 -4.42 -2.10
CA MET A 239 -9.46 -4.46 -2.91
C MET A 239 -8.69 -3.12 -2.91
N ARG A 240 -9.17 -2.09 -2.21
CA ARG A 240 -8.60 -0.73 -2.26
C ARG A 240 -7.32 -0.68 -1.40
N ASN A 241 -6.18 -0.31 -2.00
CA ASN A 241 -4.97 -0.01 -1.20
C ASN A 241 -5.15 1.39 -0.63
N ARG A 242 -5.97 1.50 0.43
CA ARG A 242 -6.43 2.82 0.95
CA ARG A 242 -6.43 2.81 0.98
C ARG A 242 -5.21 3.71 1.28
N ALA A 243 -4.14 3.13 1.82
CA ALA A 243 -2.87 3.82 2.19
C ALA A 243 -2.30 4.63 1.02
N MET A 244 -2.50 4.19 -0.22
CA MET A 244 -2.01 4.91 -1.43
C MET A 244 -3.11 5.58 -2.23
N ILE A 245 -4.33 5.08 -2.22
CA ILE A 245 -5.32 5.52 -3.24
C ILE A 245 -6.49 6.25 -2.57
N ASP A 246 -6.57 6.33 -1.24
CA ASP A 246 -7.62 7.11 -0.51
C ASP A 246 -6.95 8.39 0.03
N VAL A 247 -7.58 9.53 -0.18
CA VAL A 247 -7.07 10.84 0.34
C VAL A 247 -7.96 11.26 1.50
N PHE A 248 -7.37 11.87 2.51
CA PHE A 248 -8.11 12.43 3.67
C PHE A 248 -7.52 13.76 4.11
N GLU A 249 -8.29 14.49 4.91
CA GLU A 249 -7.91 15.76 5.53
C GLU A 249 -7.03 15.46 6.72
N PRO A 250 -5.74 15.84 6.74
CA PRO A 250 -4.88 15.42 7.84
C PRO A 250 -5.09 16.21 9.14
N GLY A 251 -5.67 17.39 9.01
CA GLY A 251 -6.08 18.19 10.20
C GLY A 251 -4.91 18.40 11.14
N SER A 252 -5.08 18.03 12.41
CA SER A 252 -4.11 18.37 13.49
C SER A 252 -2.75 17.72 13.22
N THR A 253 -2.74 16.61 12.49
CA THR A 253 -1.45 15.91 12.19
C THR A 253 -0.51 16.80 11.41
N VAL A 254 -0.94 17.89 10.76
CA VAL A 254 0.09 18.72 10.03
C VAL A 254 0.63 19.81 10.96
N LYS A 255 0.10 19.95 12.18
CA LYS A 255 0.53 21.10 13.01
C LYS A 255 2.05 21.06 13.27
N PRO A 256 2.74 19.90 13.33
CA PRO A 256 4.22 19.89 13.51
C PRO A 256 4.93 20.62 12.35
N PHE A 257 4.32 20.71 11.16
CA PHE A 257 4.90 21.39 9.97
C PHE A 257 4.66 22.90 10.09
N SER A 258 3.49 23.26 10.59
CA SER A 258 3.22 24.68 10.93
C SER A 258 4.23 25.17 12.00
N MET A 259 4.52 24.34 12.97
CA MET A 259 5.42 24.69 14.09
C MET A 259 6.86 24.77 13.53
N SER A 260 7.13 23.91 12.54
CA SER A 260 8.50 23.91 11.95
C SER A 260 8.74 25.27 11.32
N ALA A 261 7.77 25.76 10.56
CA ALA A 261 7.85 27.08 9.92
C ALA A 261 7.95 28.18 10.98
N ALA A 262 7.27 28.05 12.12
CA ALA A 262 7.29 29.06 13.19
C ALA A 262 8.70 29.16 13.76
N LEU A 263 9.31 28.01 14.04
CA LEU A 263 10.63 27.94 14.69
C LEU A 263 11.73 28.35 13.70
N ALA A 264 11.50 28.20 12.39
CA ALA A 264 12.47 28.60 11.36
C ALA A 264 12.39 30.11 11.10
N SER A 265 11.31 30.77 11.55
CA SER A 265 10.99 32.14 11.10
C SER A 265 11.93 33.17 11.79
N GLY A 266 12.53 32.80 12.93
CA GLY A 266 13.27 33.70 13.84
C GLY A 266 12.37 34.32 14.91
N ARG A 267 11.08 34.08 14.80
CA ARG A 267 10.05 34.83 15.60
C ARG A 267 9.52 34.05 16.81
N TRP A 268 9.84 32.76 16.97
CA TRP A 268 9.19 31.83 17.92
C TRP A 268 10.19 30.86 18.53
N LYS A 269 10.17 30.71 19.84
CA LYS A 269 10.84 29.57 20.54
C LYS A 269 9.78 28.81 21.34
N PRO A 270 10.04 27.54 21.71
CA PRO A 270 9.01 26.68 22.32
C PRO A 270 8.38 27.26 23.59
N SER A 271 9.15 28.01 24.38
CA SER A 271 8.69 28.63 25.64
C SER A 271 7.84 29.88 25.39
N ASP A 272 7.72 30.34 24.13
CA ASP A 272 6.93 31.55 23.81
C ASP A 272 5.45 31.18 24.06
N ILE A 273 4.70 32.19 24.45
CA ILE A 273 3.26 32.05 24.88
C ILE A 273 2.35 32.59 23.79
N VAL A 274 1.17 31.97 23.64
CA VAL A 274 0.05 32.49 22.84
C VAL A 274 -1.17 32.47 23.78
N ASP A 275 -1.90 33.58 23.75
CA ASP A 275 -3.22 33.64 24.46
C ASP A 275 -4.34 33.07 23.53
N VAL A 276 -4.94 31.94 23.92
CA VAL A 276 -5.99 31.27 23.07
C VAL A 276 -7.40 31.46 23.70
N TYR A 277 -7.44 32.24 24.77
CA TYR A 277 -8.76 32.49 25.45
C TYR A 277 -9.67 33.23 24.47
N PRO A 278 -11.00 33.02 24.40
CA PRO A 278 -11.75 32.01 25.16
C PRO A 278 -11.95 30.69 24.41
N GLY A 279 -10.91 30.24 23.64
CA GLY A 279 -11.05 28.95 22.91
C GLY A 279 -11.80 29.05 21.57
N THR A 280 -12.03 30.28 21.10
CA THR A 280 -12.63 30.60 19.79
C THR A 280 -11.96 31.86 19.26
N LEU A 281 -12.02 32.02 17.92
CA LEU A 281 -11.42 33.18 17.20
C LEU A 281 -12.26 33.43 15.95
N GLN A 282 -12.92 34.58 15.88
CA GLN A 282 -13.79 34.96 14.74
C GLN A 282 -12.90 35.51 13.61
N ILE A 283 -13.11 35.06 12.37
CA ILE A 283 -12.45 35.59 11.14
C ILE A 283 -13.54 35.86 10.10
N GLY A 284 -13.92 37.14 9.96
CA GLY A 284 -15.15 37.55 9.27
C GLY A 284 -16.30 36.69 9.73
N ARG A 285 -16.92 35.96 8.81
CA ARG A 285 -18.10 35.10 9.08
C ARG A 285 -17.66 33.80 9.75
N TYR A 286 -16.38 33.44 9.66
CA TYR A 286 -15.89 32.11 10.13
C TYR A 286 -15.30 32.27 11.53
N THR A 287 -15.64 31.30 12.40
CA THR A 287 -15.10 31.18 13.78
C THR A 287 -14.21 29.93 13.89
N ILE A 288 -12.96 30.12 14.28
CA ILE A 288 -12.06 29.01 14.66
C ILE A 288 -12.47 28.53 16.06
N ARG A 289 -12.62 27.23 16.25
CA ARG A 289 -13.03 26.67 17.54
C ARG A 289 -12.00 25.62 18.02
N ASP A 290 -11.57 25.73 19.26
CA ASP A 290 -10.79 24.70 19.99
C ASP A 290 -11.70 23.58 20.51
N VAL A 291 -11.11 22.40 20.70
CA VAL A 291 -11.78 21.21 21.29
C VAL A 291 -11.93 21.46 22.78
N SER A 292 -10.85 21.84 23.47
CA SER A 292 -10.85 22.23 24.92
CA SER A 292 -10.94 22.25 24.91
C SER A 292 -10.80 23.77 25.01
N ARG A 293 -11.65 24.39 25.82
CA ARG A 293 -11.77 25.87 25.75
C ARG A 293 -11.65 26.46 27.16
N ASN A 294 -10.74 25.91 28.00
CA ASN A 294 -10.40 26.46 29.35
C ASN A 294 -8.92 26.81 29.46
N SER A 295 -8.39 27.42 28.41
CA SER A 295 -7.01 27.95 28.40
C SER A 295 -6.98 29.43 28.10
N ARG A 296 -5.90 30.06 28.59
CA ARG A 296 -5.57 31.42 28.15
C ARG A 296 -4.15 31.37 27.52
N GLN A 297 -3.14 31.53 28.37
CA GLN A 297 -1.72 31.39 27.88
C GLN A 297 -1.37 29.91 27.71
N LEU A 298 -0.82 29.59 26.52
CA LEU A 298 -0.22 28.27 26.26
C LEU A 298 1.15 28.52 25.61
N ASP A 299 2.12 27.75 26.05
CA ASP A 299 3.43 27.73 25.30
C ASP A 299 3.25 26.89 24.03
N LEU A 300 4.26 26.96 23.15
CA LEU A 300 4.09 26.35 21.81
C LEU A 300 3.95 24.82 21.97
N THR A 301 4.58 24.25 22.99
CA THR A 301 4.50 22.78 23.25
C THR A 301 3.08 22.49 23.71
N GLY A 302 2.58 23.36 24.59
CA GLY A 302 1.16 23.20 25.03
C GLY A 302 0.18 23.28 23.87
N ILE A 303 0.41 24.18 22.92
CA ILE A 303 -0.46 24.29 21.70
C ILE A 303 -0.52 22.92 21.00
N LEU A 304 0.60 22.19 20.93
CA LEU A 304 0.55 20.85 20.32
C LEU A 304 -0.12 19.83 21.27
N ILE A 305 0.21 19.84 22.56
CA ILE A 305 -0.39 18.88 23.53
C ILE A 305 -1.92 19.08 23.51
N LYS A 306 -2.39 20.33 23.55
CA LYS A 306 -3.85 20.64 23.61
C LYS A 306 -4.40 20.61 22.19
N SER A 307 -3.53 20.50 21.18
CA SER A 307 -3.93 20.68 19.77
C SER A 307 -4.91 21.87 19.67
N SER A 308 -4.45 23.06 20.09
CA SER A 308 -5.21 24.33 19.98
C SER A 308 -5.21 24.83 18.53
N ASN A 309 -6.39 24.86 17.92
CA ASN A 309 -6.67 25.43 16.59
C ASN A 309 -6.37 26.92 16.65
N VAL A 310 -6.89 27.58 17.70
CA VAL A 310 -6.68 29.05 17.86
C VAL A 310 -5.18 29.38 17.96
N GLY A 311 -4.49 28.67 18.85
CA GLY A 311 -3.04 28.84 19.08
C GLY A 311 -2.25 28.69 17.77
N ILE A 312 -2.53 27.67 16.97
CA ILE A 312 -1.72 27.44 15.75
C ILE A 312 -2.12 28.53 14.74
N SER A 313 -3.38 28.96 14.76
CA SER A 313 -3.85 30.03 13.84
C SER A 313 -3.12 31.35 14.09
N LYS A 314 -3.06 31.79 15.36
CA LYS A 314 -2.36 33.05 15.74
C LYS A 314 -0.88 32.97 15.33
N ILE A 315 -0.21 31.85 15.61
CA ILE A 315 1.20 31.66 15.14
C ILE A 315 1.24 31.86 13.62
N ALA A 316 0.30 31.27 12.86
CA ALA A 316 0.28 31.33 11.38
C ALA A 316 0.09 32.77 10.87
N PHE A 317 -0.82 33.54 11.47
CA PHE A 317 -1.02 34.98 11.14
C PHE A 317 0.33 35.72 11.24
N ASP A 318 1.08 35.41 12.29
CA ASP A 318 2.35 36.08 12.66
C ASP A 318 3.47 35.75 11.65
N ILE A 319 3.64 34.48 11.28
CA ILE A 319 4.74 34.05 10.36
C ILE A 319 4.29 34.10 8.89
N GLY A 320 3.00 33.95 8.62
CA GLY A 320 2.43 34.02 7.27
C GLY A 320 2.32 32.64 6.65
N ALA A 321 1.33 32.45 5.78
CA ALA A 321 0.92 31.15 5.23
C ALA A 321 2.01 30.65 4.30
N GLU A 322 2.67 31.55 3.58
CA GLU A 322 3.73 31.19 2.59
C GLU A 322 4.79 30.29 3.25
N SER A 323 5.25 30.64 4.46
CA SER A 323 6.26 29.85 5.22
C SER A 323 5.76 28.42 5.49
N ILE A 324 4.48 28.28 5.78
CA ILE A 324 3.90 26.98 6.21
C ILE A 324 3.71 26.14 4.95
N TYR A 325 3.17 26.77 3.92
CA TYR A 325 2.90 26.10 2.62
C TYR A 325 4.22 25.52 2.13
N SER A 326 5.33 26.28 2.25
CA SER A 326 6.64 25.83 1.76
C SER A 326 7.11 24.57 2.51
N VAL A 327 7.01 24.53 3.84
CA VAL A 327 7.40 23.34 4.66
C VAL A 327 6.57 22.13 4.21
N MET A 328 5.25 22.32 4.07
CA MET A 328 4.35 21.20 3.73
C MET A 328 4.71 20.65 2.35
N GLN A 329 4.96 21.51 1.37
CA GLN A 329 5.36 21.13 0.01
CA GLN A 329 5.40 21.18 0.00
C GLN A 329 6.71 20.40 0.07
N GLN A 330 7.67 20.90 0.86
CA GLN A 330 9.05 20.34 0.89
C GLN A 330 9.01 18.94 1.53
N VAL A 331 8.08 18.67 2.46
CA VAL A 331 8.01 17.32 3.09
C VAL A 331 7.13 16.35 2.25
N GLY A 332 6.48 16.82 1.18
CA GLY A 332 5.86 15.99 0.13
C GLY A 332 4.34 16.03 0.11
N LEU A 333 3.71 16.84 0.95
CA LEU A 333 2.23 16.90 0.98
C LEU A 333 1.74 17.46 -0.36
N GLY A 334 0.79 16.79 -1.01
CA GLY A 334 0.25 17.22 -2.32
C GLY A 334 1.24 16.97 -3.45
N GLN A 335 2.30 16.22 -3.17
CA GLN A 335 3.37 15.97 -4.19
C GLN A 335 3.41 14.48 -4.59
N ASP A 336 3.71 14.23 -5.86
CA ASP A 336 3.96 12.88 -6.41
C ASP A 336 5.05 12.24 -5.55
N THR A 337 4.84 11.03 -5.05
CA THR A 337 5.82 10.22 -4.27
C THR A 337 6.88 9.55 -5.16
N GLY A 338 6.58 9.40 -6.46
CA GLY A 338 7.39 8.66 -7.43
C GLY A 338 7.19 7.15 -7.34
N LEU A 339 6.28 6.65 -6.48
CA LEU A 339 6.20 5.17 -6.27
C LEU A 339 5.59 4.45 -7.49
N GLY A 340 4.86 5.17 -8.36
CA GLY A 340 4.15 4.59 -9.52
C GLY A 340 3.18 3.48 -9.13
N PHE A 341 2.64 3.48 -7.93
CA PHE A 341 1.66 2.44 -7.54
C PHE A 341 0.36 2.69 -8.30
N PRO A 342 -0.31 1.66 -8.87
CA PRO A 342 -1.55 1.86 -9.61
C PRO A 342 -2.61 2.60 -8.79
N GLY A 343 -3.19 3.66 -9.35
CA GLY A 343 -4.24 4.44 -8.69
C GLY A 343 -3.68 5.37 -7.61
N GLU A 344 -2.36 5.45 -7.40
CA GLU A 344 -1.82 6.23 -6.25
CA GLU A 344 -1.85 6.22 -6.24
C GLU A 344 -2.24 7.69 -6.39
N ARG A 345 -2.69 8.31 -5.30
CA ARG A 345 -3.18 9.72 -5.29
C ARG A 345 -2.06 10.67 -4.84
N VAL A 346 -2.07 11.88 -5.40
CA VAL A 346 -1.15 13.00 -5.04
C VAL A 346 -1.82 13.86 -3.95
N GLY A 347 -3.16 13.85 -3.85
CA GLY A 347 -3.86 14.73 -2.90
C GLY A 347 -3.68 16.17 -3.32
N ASN A 348 -3.74 17.08 -2.36
CA ASN A 348 -4.03 18.49 -2.68
C ASN A 348 -3.48 19.34 -1.54
N LEU A 349 -2.52 20.19 -1.89
CA LEU A 349 -2.01 21.27 -1.02
C LEU A 349 -2.35 22.57 -1.73
N PRO A 350 -3.48 23.22 -1.40
CA PRO A 350 -3.96 24.33 -2.21
C PRO A 350 -3.01 25.51 -2.07
N ASN A 351 -2.89 26.32 -3.12
CA ASN A 351 -2.08 27.55 -3.11
C ASN A 351 -2.99 28.77 -3.30
N HIS A 352 -2.42 29.93 -3.01
CA HIS A 352 -3.00 31.30 -3.18
C HIS A 352 -1.84 32.23 -3.52
N ARG A 353 -2.07 33.20 -4.41
CA ARG A 353 -1.10 34.29 -4.69
C ARG A 353 -0.92 35.05 -3.38
N LYS A 354 -2.04 35.41 -2.75
CA LYS A 354 -2.10 36.05 -1.41
C LYS A 354 -3.06 35.31 -0.49
N TRP A 355 -2.63 35.09 0.74
CA TRP A 355 -3.30 34.31 1.78
C TRP A 355 -4.02 35.25 2.75
N PRO A 356 -5.36 35.37 2.69
CA PRO A 356 -6.07 36.08 3.75
C PRO A 356 -5.97 35.26 5.03
N LYS A 357 -6.56 35.79 6.10
CA LYS A 357 -6.54 35.20 7.47
C LYS A 357 -7.22 33.83 7.48
N ALA A 358 -8.39 33.71 6.84
CA ALA A 358 -9.21 32.46 6.91
C ALA A 358 -8.38 31.30 6.36
N GLU A 359 -7.83 31.51 5.15
CA GLU A 359 -7.06 30.51 4.37
C GLU A 359 -5.75 30.20 5.11
N THR A 360 -5.15 31.22 5.73
CA THR A 360 -3.91 31.07 6.52
C THR A 360 -4.15 30.08 7.67
N ALA A 361 -5.18 30.33 8.46
CA ALA A 361 -5.54 29.51 9.64
C ALA A 361 -5.80 28.07 9.19
N THR A 362 -6.62 27.93 8.16
CA THR A 362 -7.13 26.61 7.73
C THR A 362 -5.94 25.78 7.28
N LEU A 363 -5.00 26.37 6.54
CA LEU A 363 -3.73 25.68 6.16
C LEU A 363 -3.02 25.19 7.42
N ALA A 364 -2.89 26.07 8.41
CA ALA A 364 -2.04 25.85 9.59
C ALA A 364 -2.55 24.67 10.38
N TYR A 365 -3.89 24.44 10.42
CA TYR A 365 -4.45 23.31 11.19
C TYR A 365 -4.98 22.20 10.26
N GLY A 366 -4.61 22.22 8.97
CA GLY A 366 -4.73 21.05 8.09
C GLY A 366 -6.11 20.80 7.56
N TYR A 367 -6.93 21.86 7.48
CA TYR A 367 -8.26 21.88 6.82
C TYR A 367 -8.03 22.23 5.34
N GLY A 368 -8.81 21.61 4.45
CA GLY A 368 -8.77 21.97 3.02
C GLY A 368 -7.61 21.27 2.31
N LEU A 369 -6.74 20.56 3.05
CA LEU A 369 -5.67 19.69 2.51
C LEU A 369 -6.20 18.28 2.37
N SER A 370 -5.62 17.55 1.45
CA SER A 370 -5.90 16.13 1.20
C SER A 370 -4.56 15.41 0.99
N VAL A 371 -4.31 14.41 1.83
CA VAL A 371 -3.07 13.60 1.80
C VAL A 371 -3.45 12.12 1.78
N THR A 372 -2.49 11.30 1.42
CA THR A 372 -2.53 9.83 1.61
C THR A 372 -1.79 9.47 2.89
N ALA A 373 -2.05 8.29 3.44
CA ALA A 373 -1.32 7.81 4.63
C ALA A 373 0.18 7.72 4.28
N ILE A 374 0.52 7.29 3.04
CA ILE A 374 1.94 7.17 2.62
CA ILE A 374 1.96 7.16 2.66
C ILE A 374 2.61 8.55 2.70
N GLN A 375 1.96 9.58 2.13
CA GLN A 375 2.49 10.96 2.14
C GLN A 375 2.67 11.44 3.59
N LEU A 376 1.72 11.14 4.45
CA LEU A 376 1.81 11.65 5.83
C LEU A 376 2.93 10.92 6.58
N ALA A 377 3.10 9.62 6.35
CA ALA A 377 4.21 8.84 6.93
C ALA A 377 5.56 9.42 6.42
N HIS A 378 5.64 9.79 5.13
CA HIS A 378 6.90 10.24 4.47
C HIS A 378 7.27 11.60 5.07
N ALA A 379 6.24 12.40 5.41
CA ALA A 379 6.45 13.74 6.04
C ALA A 379 6.99 13.55 7.45
N TYR A 380 6.36 12.65 8.25
CA TYR A 380 6.86 12.34 9.60
C TYR A 380 8.29 11.78 9.50
N ALA A 381 8.56 10.97 8.47
CA ALA A 381 9.91 10.35 8.28
C ALA A 381 10.93 11.47 8.17
N ALA A 382 10.64 12.50 7.36
CA ALA A 382 11.57 13.65 7.17
C ALA A 382 11.84 14.36 8.49
N LEU A 383 10.77 14.62 9.27
CA LEU A 383 10.94 15.26 10.56
C LEU A 383 11.80 14.39 11.52
N ALA A 384 11.55 13.07 11.49
CA ALA A 384 12.23 12.12 12.43
C ALA A 384 13.75 12.04 12.05
N ASN A 385 13.99 12.14 10.74
CA ASN A 385 15.36 11.91 10.15
C ASN A 385 16.13 13.24 10.20
N ASP A 386 15.98 14.00 11.31
CA ASP A 386 16.62 15.33 11.54
C ASP A 386 16.37 16.26 10.33
N GLY A 387 15.17 16.24 9.75
CA GLY A 387 14.73 17.21 8.73
C GLY A 387 15.12 16.83 7.32
N LYS A 388 15.70 15.62 7.14
CA LYS A 388 16.15 15.16 5.81
C LYS A 388 15.15 14.08 5.28
N SER A 389 14.58 14.40 4.14
CA SER A 389 13.65 13.51 3.36
C SER A 389 14.44 12.57 2.45
N VAL A 390 14.40 11.30 2.78
CA VAL A 390 14.93 10.22 1.90
C VAL A 390 13.80 9.75 0.98
N PRO A 391 14.00 9.70 -0.35
CA PRO A 391 12.98 9.30 -1.30
C PRO A 391 12.34 7.95 -0.95
N LEU A 392 11.03 7.83 -1.19
CA LEU A 392 10.28 6.61 -0.84
C LEU A 392 10.62 5.45 -1.76
N SER A 393 10.53 4.25 -1.22
CA SER A 393 10.68 2.98 -1.98
C SER A 393 9.71 1.92 -1.46
N MET A 394 9.10 1.13 -2.35
N MET A 394 9.14 1.16 -2.39
CA MET A 394 8.42 -0.12 -1.93
CA MET A 394 8.36 -0.07 -2.13
C MET A 394 9.24 -1.35 -2.33
C MET A 394 9.20 -1.32 -2.44
N THR A 395 10.46 -1.14 -2.86
CA THR A 395 11.44 -2.20 -3.14
C THR A 395 12.65 -2.08 -2.18
N ARG A 396 13.29 -3.21 -1.88
CA ARG A 396 14.46 -3.27 -0.97
C ARG A 396 15.50 -2.26 -1.47
N VAL A 397 15.95 -1.39 -0.56
CA VAL A 397 17.00 -0.36 -0.83
C VAL A 397 18.33 -0.87 -0.25
N ASP A 398 19.29 -1.13 -1.13
CA ASP A 398 20.63 -1.63 -0.73
C ASP A 398 21.60 -0.40 -0.67
N ARG A 399 21.51 0.44 -1.70
CA ARG A 399 22.23 1.72 -1.88
C ARG A 399 21.23 2.85 -1.60
N VAL A 400 21.29 3.48 -0.43
CA VAL A 400 20.29 4.53 -0.10
C VAL A 400 20.58 5.80 -0.89
N PRO A 401 19.60 6.39 -1.62
CA PRO A 401 19.87 7.65 -2.31
C PRO A 401 20.09 8.79 -1.30
N ASP A 402 20.78 9.84 -1.75
CA ASP A 402 20.99 11.05 -0.93
C ASP A 402 19.60 11.63 -0.63
N GLY A 403 19.36 11.98 0.62
CA GLY A 403 18.13 12.68 1.02
C GLY A 403 18.21 14.17 0.75
N VAL A 404 17.11 14.91 0.87
CA VAL A 404 17.07 16.38 0.70
C VAL A 404 16.84 16.96 2.08
N GLN A 405 17.65 17.93 2.50
CA GLN A 405 17.38 18.69 3.76
C GLN A 405 16.20 19.64 3.55
N VAL A 406 15.07 19.34 4.19
CA VAL A 406 13.83 20.11 3.95
C VAL A 406 13.51 20.92 5.21
N ILE A 407 13.96 20.50 6.39
CA ILE A 407 13.82 21.29 7.65
C ILE A 407 15.19 21.32 8.29
N SER A 408 15.61 22.49 8.81
CA SER A 408 16.96 22.60 9.41
C SER A 408 17.03 21.54 10.50
N PRO A 409 18.19 20.85 10.68
CA PRO A 409 18.31 19.81 11.72
C PRO A 409 17.95 20.33 13.13
N GLU A 410 18.30 21.58 13.43
CA GLU A 410 18.01 22.14 14.78
C GLU A 410 16.48 22.25 14.96
N VAL A 411 15.79 22.78 13.96
CA VAL A 411 14.32 22.95 14.02
C VAL A 411 13.68 21.56 14.13
N ALA A 412 14.13 20.61 13.29
CA ALA A 412 13.56 19.26 13.32
C ALA A 412 13.74 18.66 14.73
N SER A 413 14.92 18.86 15.31
CA SER A 413 15.28 18.30 16.64
C SER A 413 14.30 18.91 17.68
N THR A 414 14.06 20.19 17.55
CA THR A 414 13.19 20.91 18.50
C THR A 414 11.78 20.35 18.34
N VAL A 415 11.30 20.20 17.11
CA VAL A 415 9.90 19.70 16.88
C VAL A 415 9.81 18.25 17.36
N GLN A 416 10.82 17.41 17.06
CA GLN A 416 10.87 16.06 17.69
C GLN A 416 10.61 16.15 19.19
N GLY A 417 11.32 17.03 19.90
CA GLY A 417 11.24 17.10 21.37
C GLY A 417 9.80 17.48 21.77
N MET A 418 9.18 18.37 21.02
CA MET A 418 7.79 18.85 21.31
CA MET A 418 7.80 18.84 21.37
C MET A 418 6.84 17.68 21.15
N LEU A 419 7.07 16.85 20.12
CA LEU A 419 6.21 15.67 19.84
C LEU A 419 6.43 14.58 20.87
N GLN A 420 7.60 14.49 21.49
CA GLN A 420 7.87 13.53 22.59
C GLN A 420 6.99 13.94 23.79
N GLN A 421 6.95 15.23 24.05
CA GLN A 421 6.08 15.82 25.11
C GLN A 421 4.60 15.56 24.79
N VAL A 422 4.19 15.66 23.52
CA VAL A 422 2.78 15.37 23.14
C VAL A 422 2.42 13.96 23.65
N VAL A 423 3.32 13.00 23.55
CA VAL A 423 3.09 11.61 24.00
C VAL A 423 3.27 11.49 25.52
N GLU A 424 4.26 12.18 26.11
CA GLU A 424 4.84 11.78 27.41
C GLU A 424 4.36 12.69 28.55
N ALA A 425 3.93 13.91 28.23
CA ALA A 425 3.65 14.99 29.20
C ALA A 425 2.23 14.85 29.77
N GLN A 426 1.99 15.41 30.96
CA GLN A 426 0.64 15.45 31.59
C GLN A 426 -0.34 16.05 30.56
N GLY A 427 -1.48 15.39 30.30
CA GLY A 427 -2.52 15.90 29.38
C GLY A 427 -2.30 15.45 27.93
N GLY A 428 -1.18 14.77 27.70
CA GLY A 428 -0.77 14.28 26.37
C GLY A 428 -1.39 12.93 26.05
N VAL A 429 -1.03 12.41 24.87
CA VAL A 429 -1.60 11.16 24.30
C VAL A 429 -0.91 9.97 24.95
N PHE A 430 -1.21 9.70 26.23
CA PHE A 430 -0.44 8.72 27.05
C PHE A 430 -0.58 7.30 26.46
N ARG A 431 -1.67 7.03 25.73
CA ARG A 431 -1.91 5.67 25.18
C ARG A 431 -1.02 5.42 23.96
N ALA A 432 -0.33 6.44 23.42
CA ALA A 432 0.68 6.28 22.35
C ALA A 432 2.03 5.92 22.94
N GLN A 433 2.20 6.01 24.24
CA GLN A 433 3.48 5.67 24.91
C GLN A 433 3.88 4.24 24.56
N VAL A 434 5.14 4.06 24.17
CA VAL A 434 5.69 2.74 23.72
C VAL A 434 6.54 2.20 24.86
N PRO A 435 6.22 1.02 25.43
CA PRO A 435 7.03 0.46 26.52
C PRO A 435 8.48 0.21 26.14
N GLY A 436 9.42 0.67 26.99
CA GLY A 436 10.87 0.54 26.82
C GLY A 436 11.44 1.66 25.99
N TYR A 437 10.61 2.45 25.29
CA TYR A 437 11.13 3.51 24.37
C TYR A 437 10.46 4.86 24.66
N HIS A 438 11.16 5.93 24.29
CA HIS A 438 10.59 7.28 24.10
C HIS A 438 9.97 7.35 22.72
N ALA A 439 8.73 7.76 22.62
CA ALA A 439 8.03 7.93 21.33
C ALA A 439 7.53 9.37 21.22
N ALA A 440 7.32 9.75 19.98
CA ALA A 440 6.88 11.09 19.58
C ALA A 440 5.76 10.96 18.55
N GLY A 441 4.76 11.84 18.64
CA GLY A 441 3.77 11.94 17.56
C GLY A 441 2.60 12.84 17.94
N LYS A 442 1.59 12.84 17.07
CA LYS A 442 0.49 13.83 17.04
C LYS A 442 -0.78 13.08 16.65
N SER A 443 -1.87 13.29 17.40
CA SER A 443 -3.18 12.77 16.99
C SER A 443 -3.90 13.79 16.08
N GLY A 444 -4.92 13.27 15.45
CA GLY A 444 -5.87 14.03 14.61
C GLY A 444 -7.22 13.34 14.68
N THR A 445 -8.26 14.16 14.58
CA THR A 445 -9.68 13.77 14.59
C THR A 445 -10.37 14.56 13.48
N ALA A 446 -11.07 13.88 12.58
CA ALA A 446 -11.62 14.45 11.32
C ALA A 446 -13.13 14.23 11.25
N TYR A 461 -15.38 10.72 13.53
CA TYR A 461 -15.66 9.82 12.38
C TYR A 461 -14.34 9.41 11.70
N ARG A 462 -13.21 10.09 11.94
CA ARG A 462 -11.90 9.54 11.48
C ARG A 462 -10.82 9.81 12.51
N SER A 463 -10.07 8.76 12.93
CA SER A 463 -9.04 8.84 13.99
C SER A 463 -7.67 8.67 13.32
N LEU A 464 -6.77 9.61 13.57
CA LEU A 464 -5.40 9.62 13.00
C LEU A 464 -4.41 9.58 14.16
N PHE A 465 -3.27 8.86 13.90
CA PHE A 465 -2.12 9.07 14.75
C PHE A 465 -0.89 8.87 13.85
N ALA A 466 0.00 9.84 13.99
CA ALA A 466 1.29 9.79 13.24
C ALA A 466 2.41 10.00 14.23
N GLY A 467 3.53 9.25 14.06
CA GLY A 467 4.62 9.42 15.03
C GLY A 467 5.84 8.66 14.57
N PHE A 468 6.79 8.56 15.51
CA PHE A 468 8.10 7.92 15.23
C PHE A 468 8.74 7.59 16.55
N ALA A 469 9.71 6.69 16.51
CA ALA A 469 10.43 6.15 17.67
C ALA A 469 11.73 5.48 17.15
N PRO A 470 12.73 5.29 18.04
CA PRO A 470 12.78 5.94 19.36
C PRO A 470 13.00 7.47 19.28
N ALA A 471 12.45 8.29 20.17
CA ALA A 471 12.44 9.77 20.03
C ALA A 471 13.87 10.31 20.02
N THR A 472 14.81 9.61 20.67
CA THR A 472 16.19 10.09 20.92
C THR A 472 17.08 9.84 19.70
N ASP A 473 16.87 8.71 18.99
CA ASP A 473 17.54 8.35 17.69
C ASP A 473 16.54 7.60 16.81
N PRO A 474 15.66 8.35 16.09
CA PRO A 474 14.47 7.74 15.48
C PRO A 474 14.78 6.75 14.34
N ARG A 475 13.98 5.69 14.23
CA ARG A 475 14.28 4.60 13.24
C ARG A 475 13.05 4.37 12.35
N ILE A 476 11.83 4.50 12.97
CA ILE A 476 10.54 4.10 12.34
C ILE A 476 9.54 5.26 12.47
N ALA A 477 8.92 5.64 11.35
CA ALA A 477 7.69 6.48 11.31
C ALA A 477 6.46 5.59 11.02
N MET A 478 5.32 6.01 11.60
CA MET A 478 4.12 5.16 11.49
C MET A 478 2.89 6.07 11.44
N VAL A 479 1.94 5.69 10.59
CA VAL A 479 0.64 6.40 10.48
C VAL A 479 -0.44 5.33 10.69
N VAL A 480 -1.40 5.67 11.57
CA VAL A 480 -2.54 4.77 11.84
C VAL A 480 -3.79 5.59 11.51
N VAL A 481 -4.66 5.06 10.65
CA VAL A 481 -5.91 5.79 10.26
C VAL A 481 -7.06 4.83 10.52
N ILE A 482 -8.06 5.21 11.33
CA ILE A 482 -9.20 4.31 11.65
C ILE A 482 -10.49 5.05 11.29
N ASP A 483 -11.28 4.45 10.38
CA ASP A 483 -12.43 5.11 9.70
C ASP A 483 -13.70 4.76 10.49
N GLU A 484 -14.42 5.78 10.93
CA GLU A 484 -15.75 5.62 11.56
C GLU A 484 -15.69 4.64 12.74
N PRO A 485 -14.93 4.94 13.82
CA PRO A 485 -15.02 4.16 15.05
C PRO A 485 -16.36 4.45 15.74
N SER A 486 -16.77 3.57 16.66
CA SER A 486 -18.09 3.64 17.34
C SER A 486 -17.88 3.84 18.85
N LYS A 487 -17.58 5.09 19.23
CA LYS A 487 -17.62 5.62 20.62
C LYS A 487 -18.09 7.08 20.58
N GLY A 493 -12.01 9.62 18.74
CA GLY A 493 -10.90 10.38 18.14
C GLY A 493 -9.50 9.89 18.56
N LEU A 494 -9.43 9.05 19.65
CA LEU A 494 -8.19 8.46 20.21
C LEU A 494 -8.35 6.93 20.33
N VAL A 495 -8.75 6.33 19.18
CA VAL A 495 -8.69 4.87 18.98
C VAL A 495 -7.38 4.51 18.24
N SER A 496 -6.68 5.49 17.64
CA SER A 496 -5.50 5.22 16.78
CA SER A 496 -5.51 5.18 16.78
C SER A 496 -4.22 5.14 17.62
N ALA A 497 -4.11 5.88 18.70
CA ALA A 497 -2.91 5.93 19.57
C ALA A 497 -2.53 4.57 20.15
N PRO A 498 -3.43 3.77 20.76
CA PRO A 498 -3.02 2.46 21.31
C PRO A 498 -2.50 1.51 20.22
N VAL A 499 -2.95 1.70 18.97
CA VAL A 499 -2.51 0.80 17.85
C VAL A 499 -1.04 1.17 17.54
N PHE A 500 -0.79 2.45 17.40
CA PHE A 500 0.58 2.98 17.27
C PHE A 500 1.44 2.36 18.38
N SER A 501 0.99 2.44 19.66
CA SER A 501 1.79 1.92 20.80
C SER A 501 2.18 0.45 20.58
N LYS A 502 1.22 -0.42 20.28
CA LYS A 502 1.41 -1.90 20.19
C LYS A 502 2.32 -2.21 19.00
N VAL A 503 2.08 -1.56 17.87
CA VAL A 503 2.74 -1.92 16.58
C VAL A 503 4.17 -1.34 16.62
N MET A 504 4.35 -0.14 17.18
CA MET A 504 5.67 0.46 17.32
C MET A 504 6.51 -0.42 18.26
N ALA A 505 5.95 -0.82 19.41
CA ALA A 505 6.66 -1.69 20.37
C ALA A 505 7.12 -2.98 19.67
N GLY A 506 6.24 -3.66 18.95
CA GLY A 506 6.61 -4.92 18.27
C GLY A 506 7.65 -4.67 17.18
N ALA A 507 7.48 -3.61 16.36
CA ALA A 507 8.35 -3.31 15.21
C ALA A 507 9.76 -3.01 15.74
N LEU A 508 9.90 -2.28 16.85
CA LEU A 508 11.24 -1.90 17.33
C LEU A 508 11.95 -3.16 17.86
N ARG A 509 11.22 -4.09 18.46
CA ARG A 509 11.79 -5.35 19.03
C ARG A 509 12.21 -6.27 17.89
N LEU A 510 11.37 -6.42 16.87
CA LEU A 510 11.73 -7.22 15.66
C LEU A 510 12.98 -6.64 14.99
N MET A 511 13.15 -5.31 15.04
CA MET A 511 14.27 -4.66 14.35
C MET A 511 15.51 -4.55 15.27
N ASN A 512 15.46 -5.16 16.46
CA ASN A 512 16.57 -5.19 17.46
CA ASN A 512 16.61 -5.18 17.39
C ASN A 512 16.98 -3.74 17.78
N VAL A 513 16.00 -2.83 17.87
CA VAL A 513 16.32 -1.41 18.19
C VAL A 513 16.55 -1.32 19.69
N PRO A 514 17.73 -0.84 20.13
CA PRO A 514 18.01 -0.79 21.56
C PRO A 514 17.02 0.14 22.25
N PRO A 515 16.40 -0.30 23.38
CA PRO A 515 15.54 0.58 24.19
C PRO A 515 16.28 1.84 24.65
N ASP A 516 15.60 2.98 24.57
CA ASP A 516 16.16 4.30 24.95
C ASP A 516 15.43 4.90 26.16
N ASN A 517 14.58 4.15 26.86
CA ASN A 517 13.87 4.71 28.03
C ASN A 517 14.16 3.87 29.26
#